data_1R18
#
_entry.id   1R18
#
_cell.length_a   72.070
_cell.length_b   45.250
_cell.length_c   61.240
_cell.angle_alpha   90.00
_cell.angle_beta   102.90
_cell.angle_gamma   90.00
#
_symmetry.space_group_name_H-M   'C 1 2 1'
#
loop_
_entity.id
_entity.type
_entity.pdbx_description
1 polymer Protein-L-isoaspartate(D-aspartate)-O-methyltransferase
2 non-polymer S-ADENOSYL-L-HOMOCYSTEINE
3 water water
#
_entity_poly.entity_id   1
_entity_poly.type   'polypeptide(L)'
_entity_poly.pdbx_seq_one_letter_code
;GSPGIHMAWRSVGANNEDLIRQLKDHGVIASDAVAQAMKETDRKHYSPRNPYMDAPQPIGGGVTISAPHMHAFALEYLRD
HLKPGARILDVGSGSGYLTACFYRYIKAKGVDADTRIVGIEHQAELVRRSKANLNTDDRSMLDSGQLLIVEGDGRKGYPP
NAPYNAIHVGAAAPDTPTELINQLASGGRLIVPVGPDGGSQYMQQYDKDANGKVEMTRLMGVMYVPL
;
_entity_poly.pdbx_strand_id   A
#
# COMPACT_ATOMS: atom_id res chain seq x y z
N ILE A 5 21.64 -19.09 -19.58
CA ILE A 5 20.71 -18.32 -18.70
C ILE A 5 19.26 -18.68 -19.00
N HIS A 6 18.52 -19.07 -17.98
CA HIS A 6 17.12 -19.43 -18.14
C HIS A 6 16.29 -18.20 -18.51
N MET A 7 15.56 -18.29 -19.62
CA MET A 7 14.72 -17.19 -20.09
C MET A 7 13.27 -17.40 -19.63
N ALA A 8 12.56 -16.30 -19.41
CA ALA A 8 11.17 -16.37 -18.96
C ALA A 8 10.27 -15.26 -19.49
N TRP A 9 8.97 -15.52 -19.52
CA TRP A 9 7.98 -14.57 -19.99
C TRP A 9 7.40 -13.74 -18.85
N ARG A 10 6.99 -12.52 -19.15
CA ARG A 10 6.37 -11.65 -18.16
C ARG A 10 5.61 -10.51 -18.83
N SER A 11 4.42 -10.27 -18.32
CA SER A 11 3.51 -9.24 -18.83
C SER A 11 4.07 -7.83 -18.76
N VAL A 12 3.63 -7.00 -19.71
CA VAL A 12 4.04 -5.60 -19.78
C VAL A 12 2.96 -4.79 -20.48
N GLY A 13 2.86 -3.52 -20.10
CA GLY A 13 1.88 -2.64 -20.71
C GLY A 13 2.60 -1.58 -21.52
N ALA A 14 1.93 -1.01 -22.52
CA ALA A 14 2.54 0.02 -23.36
C ALA A 14 2.64 1.33 -22.57
N ASN A 15 1.73 1.53 -21.64
CA ASN A 15 1.70 2.71 -20.79
C ASN A 15 0.94 2.36 -19.51
N ASN A 16 0.77 3.32 -18.61
CA ASN A 16 0.08 3.04 -17.36
C ASN A 16 -1.36 2.56 -17.54
N GLU A 17 -2.14 3.29 -18.33
CA GLU A 17 -3.54 2.92 -18.57
C GLU A 17 -3.65 1.52 -19.17
N ASP A 18 -2.81 1.22 -20.15
CA ASP A 18 -2.83 -0.08 -20.81
C ASP A 18 -2.45 -1.20 -19.85
N LEU A 19 -1.61 -0.88 -18.87
CA LEU A 19 -1.17 -1.87 -17.89
C LEU A 19 -2.33 -2.23 -16.97
N ILE A 20 -3.09 -1.23 -16.56
CA ILE A 20 -4.23 -1.46 -15.68
C ILE A 20 -5.38 -2.17 -16.39
N ARG A 21 -5.64 -1.78 -17.63
CA ARG A 21 -6.70 -2.39 -18.42
C ARG A 21 -6.41 -3.89 -18.54
N GLN A 22 -5.17 -4.20 -18.88
CA GLN A 22 -4.71 -5.57 -19.04
C GLN A 22 -5.01 -6.37 -17.77
N LEU A 23 -4.70 -5.79 -16.62
CA LEU A 23 -4.93 -6.44 -15.33
C LEU A 23 -6.42 -6.66 -15.07
N LYS A 24 -7.24 -5.69 -15.46
CA LYS A 24 -8.68 -5.77 -15.25
C LYS A 24 -9.29 -6.81 -16.17
N ASP A 25 -8.82 -6.85 -17.42
CA ASP A 25 -9.31 -7.81 -18.40
C ASP A 25 -9.06 -9.24 -17.96
N HIS A 26 -7.92 -9.48 -17.31
CA HIS A 26 -7.57 -10.82 -16.85
C HIS A 26 -8.06 -11.19 -15.45
N GLY A 27 -8.94 -10.37 -14.89
CA GLY A 27 -9.49 -10.67 -13.57
C GLY A 27 -8.68 -10.30 -12.34
N VAL A 28 -7.53 -9.69 -12.49
CA VAL A 28 -6.73 -9.31 -11.34
C VAL A 28 -7.43 -8.18 -10.58
N ILE A 29 -7.97 -7.21 -11.32
CA ILE A 29 -8.69 -6.09 -10.71
C ILE A 29 -10.19 -6.34 -10.84
N ALA A 30 -10.87 -6.41 -9.70
CA ALA A 30 -12.31 -6.67 -9.68
C ALA A 30 -13.17 -5.41 -9.77
N SER A 31 -12.92 -4.44 -8.90
CA SER A 31 -13.71 -3.21 -8.89
C SER A 31 -13.18 -2.09 -9.77
N ASP A 32 -14.11 -1.30 -10.34
CA ASP A 32 -13.74 -0.20 -11.22
C ASP A 32 -13.01 0.91 -10.47
N ALA A 33 -13.40 1.15 -9.22
CA ALA A 33 -12.78 2.18 -8.42
C ALA A 33 -11.29 1.91 -8.20
N VAL A 34 -10.95 0.66 -7.95
CA VAL A 34 -9.56 0.28 -7.74
C VAL A 34 -8.77 0.53 -9.02
N ALA A 35 -9.38 0.19 -10.15
CA ALA A 35 -8.74 0.37 -11.45
C ALA A 35 -8.50 1.84 -11.75
N GLN A 36 -9.46 2.69 -11.41
CA GLN A 36 -9.35 4.13 -11.65
C GLN A 36 -8.27 4.79 -10.81
N ALA A 37 -8.16 4.39 -9.55
CA ALA A 37 -7.14 4.96 -8.67
C ALA A 37 -5.76 4.62 -9.23
N MET A 38 -5.59 3.38 -9.69
CA MET A 38 -4.33 2.94 -10.25
C MET A 38 -4.07 3.59 -11.62
N LYS A 39 -5.13 3.85 -12.36
CA LYS A 39 -5.00 4.48 -13.67
C LYS A 39 -4.48 5.92 -13.54
N GLU A 40 -4.94 6.61 -12.51
CA GLU A 40 -4.55 8.00 -12.28
C GLU A 40 -3.23 8.17 -11.53
N THR A 41 -2.60 7.05 -11.17
CA THR A 41 -1.31 7.09 -10.49
C THR A 41 -0.31 6.35 -11.37
N ASP A 42 0.38 7.12 -12.22
CA ASP A 42 1.36 6.60 -13.18
C ASP A 42 2.61 6.05 -12.52
N ARG A 43 2.89 4.76 -12.71
CA ARG A 43 4.07 4.12 -12.13
C ARG A 43 5.39 4.76 -12.54
N LYS A 44 5.41 5.50 -13.64
CA LYS A 44 6.64 6.13 -14.10
C LYS A 44 7.26 7.08 -13.07
N HIS A 45 6.43 7.66 -12.22
CA HIS A 45 6.91 8.58 -11.19
C HIS A 45 7.45 7.84 -9.99
N TYR A 46 7.12 6.55 -9.87
CA TYR A 46 7.55 5.77 -8.73
C TYR A 46 8.53 4.62 -9.01
N SER A 47 8.57 4.12 -10.24
CA SER A 47 9.48 3.02 -10.58
C SER A 47 10.53 3.48 -11.59
N PRO A 48 11.79 3.61 -11.15
CA PRO A 48 12.90 4.04 -12.01
C PRO A 48 13.00 3.31 -13.35
N ARG A 49 12.92 1.97 -13.31
CA ARG A 49 13.03 1.19 -14.53
C ARG A 49 11.84 0.28 -14.80
N ASN A 50 11.63 -0.06 -16.07
CA ASN A 50 10.53 -0.93 -16.48
C ASN A 50 9.22 -0.46 -15.81
N PRO A 51 8.99 0.83 -15.74
CA PRO A 51 7.70 1.11 -15.05
C PRO A 51 6.39 0.31 -15.28
N TYR A 52 6.16 -0.13 -16.50
CA TYR A 52 4.94 -0.83 -16.85
C TYR A 52 5.04 -2.35 -17.00
N MET A 53 5.94 -2.96 -16.25
CA MET A 53 6.11 -4.41 -16.29
C MET A 53 5.42 -4.91 -15.03
N ASP A 54 4.63 -5.98 -15.14
CA ASP A 54 3.95 -6.52 -13.97
C ASP A 54 4.95 -7.33 -13.15
N ALA A 55 5.88 -6.62 -12.51
CA ALA A 55 6.90 -7.26 -11.70
C ALA A 55 7.55 -6.26 -10.74
N PRO A 56 8.13 -6.76 -9.63
CA PRO A 56 8.78 -5.90 -8.65
C PRO A 56 10.03 -5.27 -9.24
N GLN A 57 10.28 -4.00 -8.89
CA GLN A 57 11.46 -3.30 -9.39
C GLN A 57 12.21 -2.71 -8.20
N PRO A 58 13.55 -2.73 -8.23
CA PRO A 58 14.30 -2.17 -7.11
C PRO A 58 14.22 -0.65 -7.04
N ILE A 59 14.26 -0.10 -5.83
CA ILE A 59 14.20 1.35 -5.64
C ILE A 59 15.31 1.83 -4.69
N GLY A 60 16.10 0.90 -4.19
CA GLY A 60 17.18 1.25 -3.29
C GLY A 60 17.01 0.62 -1.91
N GLY A 61 17.98 0.85 -1.03
CA GLY A 61 17.91 0.31 0.30
C GLY A 61 17.59 -1.18 0.35
N GLY A 62 17.96 -1.89 -0.72
CA GLY A 62 17.71 -3.32 -0.78
C GLY A 62 16.26 -3.71 -0.86
N VAL A 63 15.39 -2.77 -1.21
CA VAL A 63 13.96 -3.04 -1.32
C VAL A 63 13.44 -2.79 -2.72
N THR A 64 12.19 -3.19 -2.96
CA THR A 64 11.59 -3.01 -4.27
C THR A 64 10.16 -2.48 -4.21
N ILE A 65 9.72 -1.84 -5.29
CA ILE A 65 8.36 -1.34 -5.37
C ILE A 65 7.60 -2.57 -5.83
N SER A 66 6.56 -2.94 -5.10
CA SER A 66 5.75 -4.12 -5.41
C SER A 66 5.30 -4.25 -6.87
N ALA A 67 5.02 -5.48 -7.28
CA ALA A 67 4.53 -5.75 -8.61
C ALA A 67 3.09 -5.23 -8.66
N PRO A 68 2.69 -4.60 -9.77
CA PRO A 68 1.34 -4.06 -9.93
C PRO A 68 0.19 -4.91 -9.38
N HIS A 69 0.21 -6.22 -9.63
CA HIS A 69 -0.87 -7.06 -9.14
C HIS A 69 -0.94 -7.15 -7.61
N MET A 70 0.20 -7.00 -6.95
CA MET A 70 0.22 -7.04 -5.49
C MET A 70 -0.42 -5.77 -4.94
N HIS A 71 -0.21 -4.66 -5.62
CA HIS A 71 -0.80 -3.39 -5.21
C HIS A 71 -2.32 -3.47 -5.37
N ALA A 72 -2.75 -4.14 -6.44
CA ALA A 72 -4.17 -4.29 -6.73
C ALA A 72 -4.85 -5.13 -5.65
N PHE A 73 -4.24 -6.24 -5.28
CA PHE A 73 -4.82 -7.11 -4.25
C PHE A 73 -5.01 -6.36 -2.93
N ALA A 74 -4.04 -5.52 -2.58
CA ALA A 74 -4.11 -4.74 -1.34
C ALA A 74 -5.24 -3.72 -1.37
N LEU A 75 -5.42 -3.07 -2.51
CA LEU A 75 -6.48 -2.08 -2.65
C LEU A 75 -7.84 -2.76 -2.56
N GLU A 76 -7.98 -3.92 -3.20
CA GLU A 76 -9.23 -4.68 -3.16
C GLU A 76 -9.59 -5.10 -1.73
N TYR A 77 -8.60 -5.60 -1.00
CA TYR A 77 -8.80 -6.05 0.38
C TYR A 77 -9.39 -4.97 1.28
N LEU A 78 -8.99 -3.73 1.03
CA LEU A 78 -9.43 -2.61 1.84
C LEU A 78 -10.36 -1.66 1.10
N ARG A 79 -11.03 -2.14 0.06
CA ARG A 79 -11.91 -1.26 -0.70
C ARG A 79 -13.08 -0.67 0.08
N ASP A 80 -13.63 -1.41 1.04
CA ASP A 80 -14.76 -0.90 1.82
C ASP A 80 -14.33 -0.04 3.01
N HIS A 81 -13.04 -0.08 3.34
CA HIS A 81 -12.53 0.69 4.47
C HIS A 81 -11.96 2.05 4.06
N LEU A 82 -11.71 2.21 2.76
CA LEU A 82 -11.17 3.46 2.23
C LEU A 82 -12.31 4.40 1.90
N LYS A 83 -12.73 5.20 2.88
CA LYS A 83 -13.82 6.14 2.68
C LYS A 83 -13.49 7.55 3.15
N PRO A 84 -14.15 8.56 2.56
CA PRO A 84 -13.91 9.96 2.93
C PRO A 84 -14.01 10.15 4.44
N GLY A 85 -13.06 10.88 5.02
CA GLY A 85 -13.06 11.13 6.44
C GLY A 85 -12.29 10.13 7.29
N ALA A 86 -11.83 9.05 6.69
CA ALA A 86 -11.09 8.03 7.43
C ALA A 86 -9.60 8.29 7.52
N ARG A 87 -8.93 7.54 8.39
CA ARG A 87 -7.49 7.65 8.59
C ARG A 87 -6.86 6.33 8.18
N ILE A 88 -5.93 6.40 7.24
CA ILE A 88 -5.24 5.20 6.75
C ILE A 88 -3.75 5.24 7.04
N LEU A 89 -3.19 4.09 7.40
CA LEU A 89 -1.77 3.99 7.70
C LEU A 89 -1.12 3.03 6.71
N ASP A 90 -0.03 3.47 6.09
CA ASP A 90 0.70 2.62 5.15
C ASP A 90 2.12 2.43 5.68
N VAL A 91 2.31 1.33 6.40
CA VAL A 91 3.59 0.99 7.01
C VAL A 91 4.58 0.47 5.96
N GLY A 92 5.72 1.14 5.87
CA GLY A 92 6.72 0.76 4.88
C GLY A 92 6.34 1.41 3.57
N SER A 93 6.15 2.72 3.58
CA SER A 93 5.73 3.44 2.38
C SER A 93 6.66 3.41 1.16
N GLY A 94 7.93 3.08 1.37
CA GLY A 94 8.88 2.99 0.28
C GLY A 94 8.83 4.07 -0.79
N SER A 95 8.47 3.63 -1.99
CA SER A 95 8.36 4.51 -3.15
C SER A 95 7.26 5.55 -3.01
N GLY A 96 6.24 5.24 -2.21
CA GLY A 96 5.13 6.15 -2.02
C GLY A 96 3.97 5.89 -2.96
N TYR A 97 4.10 4.87 -3.81
CA TYR A 97 3.06 4.54 -4.77
C TYR A 97 1.72 4.15 -4.17
N LEU A 98 1.71 3.09 -3.35
CA LEU A 98 0.45 2.65 -2.76
C LEU A 98 -0.22 3.77 -1.99
N THR A 99 0.59 4.63 -1.39
CA THR A 99 0.09 5.75 -0.61
C THR A 99 -0.67 6.74 -1.50
N ALA A 100 -0.11 7.03 -2.67
CA ALA A 100 -0.75 7.95 -3.60
C ALA A 100 -2.06 7.33 -4.11
N CYS A 101 -2.08 6.00 -4.21
CA CYS A 101 -3.27 5.31 -4.69
C CYS A 101 -4.41 5.41 -3.68
N PHE A 102 -4.10 5.33 -2.39
CA PHE A 102 -5.11 5.44 -1.35
C PHE A 102 -5.76 6.81 -1.42
N TYR A 103 -4.93 7.84 -1.53
CA TYR A 103 -5.37 9.22 -1.62
C TYR A 103 -6.35 9.44 -2.78
N ARG A 104 -5.99 8.93 -3.95
CA ARG A 104 -6.84 9.10 -5.12
C ARG A 104 -8.14 8.28 -5.02
N TYR A 105 -8.04 7.08 -4.47
CA TYR A 105 -9.22 6.21 -4.32
C TYR A 105 -10.31 6.93 -3.53
N ILE A 106 -9.93 7.45 -2.38
CA ILE A 106 -10.85 8.17 -1.49
C ILE A 106 -11.27 9.51 -2.09
N LYS A 107 -10.32 10.22 -2.69
CA LYS A 107 -10.59 11.49 -3.31
C LYS A 107 -11.71 11.39 -4.33
N ALA A 108 -11.84 10.20 -4.94
CA ALA A 108 -12.88 9.97 -5.93
C ALA A 108 -14.23 9.78 -5.24
N LYS A 109 -14.22 9.08 -4.11
CA LYS A 109 -15.44 8.82 -3.35
C LYS A 109 -16.00 10.13 -2.79
N GLY A 110 -15.27 11.22 -3.01
CA GLY A 110 -15.70 12.51 -2.51
C GLY A 110 -14.67 13.00 -1.51
N VAL A 111 -14.61 14.30 -1.31
CA VAL A 111 -13.63 14.85 -0.38
C VAL A 111 -14.22 15.17 0.98
N ASP A 112 -13.36 15.13 2.00
CA ASP A 112 -13.71 15.42 3.38
C ASP A 112 -12.44 16.01 3.97
N ALA A 113 -12.54 17.17 4.60
CA ALA A 113 -11.38 17.85 5.16
C ALA A 113 -10.64 17.07 6.24
N ASP A 114 -11.26 16.05 6.80
CA ASP A 114 -10.63 15.26 7.85
C ASP A 114 -9.85 14.03 7.38
N THR A 115 -9.93 13.71 6.09
CA THR A 115 -9.22 12.53 5.57
C THR A 115 -7.71 12.67 5.79
N ARG A 116 -7.10 11.58 6.24
CA ARG A 116 -5.66 11.57 6.50
C ARG A 116 -5.00 10.26 6.06
N ILE A 117 -4.07 10.35 5.12
CA ILE A 117 -3.35 9.17 4.67
C ILE A 117 -1.90 9.34 5.12
N VAL A 118 -1.47 8.49 6.05
CA VAL A 118 -0.13 8.56 6.59
C VAL A 118 0.77 7.42 6.15
N GLY A 119 1.93 7.76 5.60
CA GLY A 119 2.87 6.75 5.17
C GLY A 119 4.09 6.86 6.08
N ILE A 120 4.48 5.75 6.71
CA ILE A 120 5.64 5.76 7.59
C ILE A 120 6.75 4.85 7.05
N GLU A 121 7.92 5.45 6.86
CA GLU A 121 9.10 4.77 6.32
C GLU A 121 10.30 5.03 7.24
N HIS A 122 11.11 4.02 7.51
CA HIS A 122 12.26 4.22 8.39
C HIS A 122 13.60 4.50 7.71
N GLN A 123 13.64 4.41 6.38
CA GLN A 123 14.89 4.70 5.66
C GLN A 123 14.83 6.13 5.14
N ALA A 124 15.69 6.98 5.69
CA ALA A 124 15.73 8.39 5.33
C ALA A 124 15.86 8.68 3.83
N GLU A 125 16.63 7.86 3.12
CA GLU A 125 16.81 8.05 1.68
C GLU A 125 15.50 7.86 0.93
N LEU A 126 14.71 6.88 1.35
CA LEU A 126 13.43 6.61 0.71
C LEU A 126 12.38 7.65 1.08
N VAL A 127 12.51 8.23 2.28
CA VAL A 127 11.58 9.25 2.71
C VAL A 127 11.74 10.48 1.82
N ARG A 128 13.00 10.86 1.54
CA ARG A 128 13.25 12.00 0.68
C ARG A 128 12.87 11.66 -0.76
N ARG A 129 13.23 10.45 -1.16
CA ARG A 129 12.95 9.95 -2.51
C ARG A 129 11.44 9.89 -2.79
N SER A 130 10.68 9.32 -1.86
CA SER A 130 9.24 9.20 -2.05
C SER A 130 8.55 10.55 -2.11
N LYS A 131 8.96 11.49 -1.25
CA LYS A 131 8.36 12.81 -1.27
C LYS A 131 8.58 13.47 -2.63
N ALA A 132 9.77 13.27 -3.18
CA ALA A 132 10.09 13.84 -4.48
C ALA A 132 9.22 13.18 -5.55
N ASN A 133 8.98 11.87 -5.40
CA ASN A 133 8.15 11.15 -6.35
C ASN A 133 6.76 11.77 -6.36
N LEU A 134 6.18 11.90 -5.17
CA LEU A 134 4.84 12.47 -5.01
C LEU A 134 4.69 13.89 -5.55
N ASN A 135 5.75 14.70 -5.44
CA ASN A 135 5.69 16.07 -5.95
C ASN A 135 5.87 16.12 -7.46
N THR A 136 6.51 15.09 -8.01
CA THR A 136 6.71 15.02 -9.45
C THR A 136 5.36 14.62 -10.04
N ASP A 137 4.66 13.75 -9.32
CA ASP A 137 3.35 13.25 -9.72
C ASP A 137 2.33 14.39 -9.66
N ASP A 138 2.02 14.82 -8.45
CA ASP A 138 1.07 15.90 -8.22
C ASP A 138 1.43 16.61 -6.91
N ARG A 139 2.04 17.78 -7.03
CA ARG A 139 2.48 18.58 -5.89
C ARG A 139 1.36 18.87 -4.88
N SER A 140 0.11 18.82 -5.35
CA SER A 140 -1.03 19.12 -4.49
C SER A 140 -1.36 18.08 -3.43
N MET A 141 -0.92 16.84 -3.61
CA MET A 141 -1.20 15.81 -2.62
C MET A 141 -0.52 16.15 -1.30
N LEU A 142 0.79 16.38 -1.33
CA LEU A 142 1.51 16.73 -0.13
C LEU A 142 1.07 18.12 0.36
N ASP A 143 0.82 19.04 -0.56
CA ASP A 143 0.40 20.39 -0.19
C ASP A 143 -0.95 20.43 0.52
N SER A 144 -1.81 19.45 0.25
CA SER A 144 -3.14 19.41 0.86
C SER A 144 -3.09 19.18 2.36
N GLY A 145 -2.03 18.55 2.83
CA GLY A 145 -1.92 18.27 4.25
C GLY A 145 -2.76 17.07 4.63
N GLN A 146 -3.29 16.38 3.62
CA GLN A 146 -4.11 15.20 3.84
C GLN A 146 -3.31 13.92 3.63
N LEU A 147 -2.16 14.05 2.98
CA LEU A 147 -1.27 12.92 2.75
C LEU A 147 0.01 13.27 3.51
N LEU A 148 0.53 12.31 4.27
CA LEU A 148 1.73 12.52 5.07
C LEU A 148 2.76 11.39 4.97
N ILE A 149 4.04 11.76 4.91
CA ILE A 149 5.11 10.77 4.88
C ILE A 149 6.01 11.06 6.07
N VAL A 150 5.97 10.19 7.08
CA VAL A 150 6.79 10.41 8.27
C VAL A 150 7.92 9.41 8.44
N GLU A 151 9.00 9.84 9.10
CA GLU A 151 10.15 8.97 9.35
C GLU A 151 9.98 8.28 10.69
N GLY A 152 10.08 6.96 10.70
CA GLY A 152 9.93 6.23 11.95
C GLY A 152 9.89 4.73 11.78
N ASP A 153 9.77 4.02 12.89
CA ASP A 153 9.68 2.57 12.89
C ASP A 153 8.21 2.20 12.91
N GLY A 154 7.70 1.78 11.74
CA GLY A 154 6.29 1.43 11.62
C GLY A 154 5.73 0.41 12.58
N ARG A 155 6.59 -0.41 13.17
CA ARG A 155 6.15 -1.43 14.13
C ARG A 155 5.37 -0.84 15.30
N LYS A 156 5.54 0.46 15.53
CA LYS A 156 4.86 1.15 16.62
C LYS A 156 3.81 2.10 16.07
N GLY A 157 3.40 1.85 14.82
CA GLY A 157 2.40 2.68 14.19
C GLY A 157 2.74 4.16 14.23
N TYR A 158 1.70 4.98 14.38
CA TYR A 158 1.84 6.42 14.44
C TYR A 158 0.67 6.92 15.29
N PRO A 159 0.83 6.90 16.62
CA PRO A 159 -0.24 7.36 17.52
C PRO A 159 -0.86 8.74 17.32
N PRO A 160 -0.09 9.72 16.85
CA PRO A 160 -0.68 11.05 16.64
C PRO A 160 -1.98 11.06 15.83
N ASN A 161 -2.10 10.15 14.86
CA ASN A 161 -3.29 10.09 14.03
C ASN A 161 -4.16 8.86 14.27
N ALA A 162 -3.89 8.12 15.35
CA ALA A 162 -4.67 6.93 15.68
C ALA A 162 -6.00 7.35 16.31
N PRO A 163 -7.03 6.48 16.25
CA PRO A 163 -7.11 5.14 15.65
C PRO A 163 -7.25 5.20 14.14
N TYR A 164 -6.86 4.10 13.47
CA TYR A 164 -6.94 4.01 12.01
C TYR A 164 -8.04 3.07 11.57
N ASN A 165 -8.75 3.44 10.50
CA ASN A 165 -9.82 2.62 9.99
C ASN A 165 -9.25 1.48 9.15
N ALA A 166 -8.05 1.70 8.62
CA ALA A 166 -7.38 0.70 7.82
C ALA A 166 -5.87 0.86 7.95
N ILE A 167 -5.17 -0.27 8.00
CA ILE A 167 -3.71 -0.26 8.10
C ILE A 167 -3.12 -1.30 7.14
N HIS A 168 -2.20 -0.85 6.29
CA HIS A 168 -1.54 -1.76 5.37
C HIS A 168 -0.06 -1.81 5.72
N VAL A 169 0.50 -3.01 5.75
CA VAL A 169 1.90 -3.20 6.10
C VAL A 169 2.64 -3.89 4.95
N GLY A 170 3.64 -3.20 4.40
CA GLY A 170 4.39 -3.74 3.29
C GLY A 170 5.62 -4.57 3.64
N ALA A 171 5.93 -4.67 4.93
CA ALA A 171 7.08 -5.45 5.37
C ALA A 171 6.64 -6.54 6.32
N ALA A 172 7.45 -7.59 6.44
CA ALA A 172 7.12 -8.71 7.31
C ALA A 172 7.19 -8.38 8.80
N ALA A 173 6.20 -8.90 9.53
CA ALA A 173 6.14 -8.73 10.98
C ALA A 173 6.49 -10.12 11.50
N PRO A 174 7.50 -10.22 12.37
CA PRO A 174 7.91 -11.52 12.92
C PRO A 174 6.84 -12.31 13.65
N ASP A 175 5.77 -11.64 14.07
CA ASP A 175 4.68 -12.29 14.77
C ASP A 175 3.51 -11.32 14.92
N THR A 176 2.49 -11.73 15.66
CA THR A 176 1.31 -10.90 15.88
C THR A 176 1.71 -9.45 16.16
N PRO A 177 1.34 -8.52 15.25
CA PRO A 177 1.66 -7.09 15.39
C PRO A 177 0.75 -6.43 16.43
N THR A 178 1.04 -6.69 17.71
CA THR A 178 0.24 -6.17 18.81
C THR A 178 -0.03 -4.68 18.80
N GLU A 179 1.01 -3.85 18.72
CA GLU A 179 0.83 -2.41 18.74
C GLU A 179 -0.02 -1.87 17.60
N LEU A 180 0.04 -2.52 16.44
CA LEU A 180 -0.75 -2.08 15.30
C LEU A 180 -2.22 -2.38 15.51
N ILE A 181 -2.52 -3.53 16.09
CA ILE A 181 -3.89 -3.92 16.37
C ILE A 181 -4.48 -2.94 17.38
N ASN A 182 -3.65 -2.50 18.31
CA ASN A 182 -4.08 -1.56 19.33
C ASN A 182 -4.45 -0.21 18.73
N GLN A 183 -3.89 0.09 17.56
CA GLN A 183 -4.17 1.36 16.91
C GLN A 183 -5.31 1.28 15.89
N LEU A 184 -5.97 0.13 15.83
CA LEU A 184 -7.10 -0.07 14.93
C LEU A 184 -8.38 0.44 15.58
N ALA A 185 -9.22 1.10 14.80
CA ALA A 185 -10.50 1.60 15.31
C ALA A 185 -11.47 0.43 15.26
N SER A 186 -12.59 0.53 15.98
CA SER A 186 -13.59 -0.53 15.95
C SER A 186 -14.09 -0.63 14.51
N GLY A 187 -14.12 -1.84 13.98
CA GLY A 187 -14.58 -2.03 12.61
C GLY A 187 -13.47 -1.79 11.60
N GLY A 188 -12.24 -1.65 12.07
CA GLY A 188 -11.13 -1.42 11.19
C GLY A 188 -10.49 -2.71 10.71
N ARG A 189 -9.63 -2.61 9.68
CA ARG A 189 -8.95 -3.77 9.12
C ARG A 189 -7.45 -3.55 8.93
N LEU A 190 -6.68 -4.60 9.17
CA LEU A 190 -5.22 -4.55 9.06
C LEU A 190 -4.69 -5.71 8.20
N ILE A 191 -3.89 -5.36 7.21
CA ILE A 191 -3.30 -6.33 6.29
C ILE A 191 -1.79 -6.38 6.54
N VAL A 192 -1.24 -7.56 6.76
CA VAL A 192 0.20 -7.68 7.05
C VAL A 192 0.81 -9.06 6.87
N PRO A 193 2.03 -9.15 6.33
CA PRO A 193 2.70 -10.44 6.13
C PRO A 193 3.29 -10.85 7.47
N VAL A 194 2.88 -12.01 7.99
CA VAL A 194 3.40 -12.45 9.28
C VAL A 194 4.34 -13.64 9.16
N GLY A 195 5.41 -13.61 9.95
CA GLY A 195 6.39 -14.68 9.94
C GLY A 195 7.81 -14.18 9.79
N PRO A 196 8.80 -14.91 10.32
CA PRO A 196 10.21 -14.53 10.25
C PRO A 196 10.69 -14.43 8.81
N ASP A 197 11.63 -13.53 8.55
CA ASP A 197 12.15 -13.34 7.21
C ASP A 197 12.89 -14.59 6.75
N GLY A 198 12.35 -15.25 5.75
CA GLY A 198 12.96 -16.46 5.23
C GLY A 198 12.13 -17.70 5.51
N GLY A 199 11.02 -17.83 4.80
CA GLY A 199 10.16 -18.99 5.01
C GLY A 199 8.78 -18.83 4.39
N SER A 200 7.89 -19.77 4.68
CA SER A 200 6.53 -19.73 4.16
C SER A 200 5.67 -18.85 5.06
N GLN A 201 5.51 -17.58 4.67
CA GLN A 201 4.72 -16.64 5.43
C GLN A 201 3.29 -16.57 4.92
N TYR A 202 2.45 -15.85 5.66
CA TYR A 202 1.07 -15.68 5.29
C TYR A 202 0.64 -14.22 5.37
N MET A 203 -0.01 -13.76 4.31
CA MET A 203 -0.54 -12.40 4.28
C MET A 203 -1.76 -12.58 5.13
N GLN A 204 -1.82 -11.89 6.28
CA GLN A 204 -2.96 -12.06 7.16
C GLN A 204 -3.81 -10.83 7.36
N GLN A 205 -5.08 -11.08 7.62
CA GLN A 205 -6.06 -10.01 7.84
C GLN A 205 -6.58 -10.03 9.26
N TYR A 206 -6.61 -8.87 9.89
CA TYR A 206 -7.13 -8.76 11.25
C TYR A 206 -8.26 -7.74 11.26
N ASP A 207 -9.44 -8.19 11.69
CA ASP A 207 -10.60 -7.31 11.77
C ASP A 207 -10.98 -7.15 13.23
N LYS A 208 -11.17 -5.91 13.66
CA LYS A 208 -11.59 -5.64 15.03
C LYS A 208 -13.06 -5.25 14.93
N ASP A 209 -13.92 -5.87 15.75
CA ASP A 209 -15.33 -5.54 15.70
C ASP A 209 -15.71 -4.47 16.71
N ALA A 210 -17.00 -4.14 16.77
CA ALA A 210 -17.49 -3.13 17.68
C ALA A 210 -17.17 -3.40 19.15
N ASN A 211 -17.12 -4.67 19.53
CA ASN A 211 -16.82 -5.02 20.92
C ASN A 211 -15.33 -5.00 21.20
N GLY A 212 -14.54 -4.78 20.16
CA GLY A 212 -13.10 -4.74 20.34
C GLY A 212 -12.44 -6.09 20.16
N LYS A 213 -13.24 -7.11 19.86
CA LYS A 213 -12.71 -8.46 19.66
C LYS A 213 -12.01 -8.52 18.30
N VAL A 214 -10.91 -9.26 18.24
CA VAL A 214 -10.13 -9.40 17.01
C VAL A 214 -10.26 -10.77 16.35
N GLU A 215 -10.37 -10.75 15.03
CA GLU A 215 -10.49 -11.96 14.23
C GLU A 215 -9.40 -11.98 13.15
N MET A 216 -8.74 -13.13 12.98
CA MET A 216 -7.68 -13.27 11.99
C MET A 216 -8.05 -14.23 10.86
N THR A 217 -7.74 -13.84 9.64
CA THR A 217 -8.01 -14.66 8.46
C THR A 217 -6.78 -14.67 7.56
N ARG A 218 -6.43 -15.85 7.05
CA ARG A 218 -5.27 -15.98 6.16
C ARG A 218 -5.72 -15.73 4.73
N LEU A 219 -5.08 -14.78 4.07
CA LEU A 219 -5.43 -14.44 2.69
C LEU A 219 -4.63 -15.16 1.61
N MET A 220 -3.33 -15.31 1.81
CA MET A 220 -2.51 -15.99 0.81
C MET A 220 -1.09 -16.27 1.26
N GLY A 221 -0.49 -17.31 0.68
CA GLY A 221 0.87 -17.67 1.00
C GLY A 221 1.80 -16.71 0.29
N VAL A 222 2.83 -16.24 0.97
CA VAL A 222 3.76 -15.30 0.39
C VAL A 222 5.18 -15.60 0.84
N MET A 223 6.17 -15.18 0.06
CA MET A 223 7.55 -15.44 0.41
C MET A 223 8.48 -14.30 -0.02
N TYR A 224 9.28 -13.81 0.92
CA TYR A 224 10.20 -12.71 0.65
C TYR A 224 11.53 -13.30 0.18
N VAL A 225 11.83 -13.14 -1.10
CA VAL A 225 13.06 -13.69 -1.66
C VAL A 225 13.89 -12.68 -2.45
N PRO A 226 15.17 -13.01 -2.74
CA PRO A 226 16.05 -12.12 -3.50
C PRO A 226 15.49 -11.93 -4.90
N LEU A 227 15.46 -10.70 -5.37
CA LEU A 227 14.94 -10.43 -6.71
C LEU A 227 15.93 -10.96 -7.75
#